data_2FUR
#
_entry.id   2FUR
#
_cell.length_a   61.040
_cell.length_b   66.690
_cell.length_c   99.940
_cell.angle_alpha   90.00
_cell.angle_beta   90.00
_cell.angle_gamma   90.00
#
_symmetry.space_group_name_H-M   'P 21 21 21'
#
loop_
_entity.id
_entity.type
_entity.pdbx_description
1 polymer 'hypothetical protein'
2 non-polymer 1,2-ETHANEDIOL
3 water water
#
_entity_poly.entity_id   1
_entity_poly.type   'polypeptide(L)'
_entity_poly.pdbx_seq_one_letter_code
;G(MSE)AVECIKDKVTRYPERASYSDEDLVA(MSE)LDRNFTCTVSFIDGGIPYAIP(MSE)(MSE)LASEGKTIYLHGS
(MSE)KSRIYGILKTGQLIAISLLEINGIVLAKEIKNNSINYVSALIFGRPYEIDDTEKKIEVFRLLTEKLVKGRWDNSI
KPSYEDLNGVFVFAVKPETFS(MSE)KARTGPPHDTSTDDIWSGVLPIQHTISEAGENAPEYVKSLYGKRIFI
;
_entity_poly.pdbx_strand_id   A,B
#
loop_
_chem_comp.id
_chem_comp.type
_chem_comp.name
_chem_comp.formula
EDO non-polymer 1,2-ETHANEDIOL 'C2 H6 O2'
#
# COMPACT_ATOMS: atom_id res chain seq x y z
N ARG A 17 9.02 -13.66 9.50
CA ARG A 17 9.01 -12.78 10.71
C ARG A 17 9.68 -11.44 10.36
N ALA A 18 10.52 -10.90 11.26
CA ALA A 18 11.05 -9.52 11.15
C ALA A 18 12.45 -9.46 10.54
N SER A 19 12.80 -8.29 9.99
CA SER A 19 14.17 -8.01 9.55
C SER A 19 14.58 -6.58 9.94
N TYR A 20 15.88 -6.40 10.10
CA TYR A 20 16.50 -5.11 10.40
C TYR A 20 17.78 -4.93 9.56
N SER A 21 17.93 -5.74 8.51
CA SER A 21 19.04 -5.68 7.54
C SER A 21 18.95 -4.47 6.58
N ASP A 22 20.04 -3.70 6.52
CA ASP A 22 20.18 -2.63 5.53
C ASP A 22 20.03 -3.17 4.12
N GLU A 23 20.63 -4.32 3.84
CA GLU A 23 20.57 -4.85 2.47
C GLU A 23 19.10 -5.13 2.10
N ASP A 24 18.35 -5.66 3.06
CA ASP A 24 16.91 -5.90 2.91
C ASP A 24 16.13 -4.62 2.63
N LEU A 25 16.36 -3.58 3.43
CA LEU A 25 15.69 -2.28 3.22
C LEU A 25 16.01 -1.67 1.83
N VAL A 26 17.27 -1.66 1.42
CA VAL A 26 17.66 -1.10 0.12
C VAL A 26 16.96 -1.86 -1.00
N ALA A 27 16.89 -3.19 -0.88
CA ALA A 27 16.23 -4.02 -1.89
C ALA A 27 14.76 -3.62 -2.04
N MSE A 28 14.11 -3.40 -0.91
CA MSE A 28 12.70 -3.02 -0.90
C MSE A 28 12.52 -1.59 -1.42
O MSE A 28 11.57 -1.30 -2.19
CB MSE A 28 12.16 -3.09 0.54
CG MSE A 28 10.92 -3.84 0.61
SE MSE A 28 10.18 -3.78 2.42
CE MSE A 28 8.34 -3.53 1.76
N LEU A 29 13.40 -0.68 -1.00
CA LEU A 29 13.34 0.70 -1.51
C LEU A 29 13.51 0.71 -3.04
N ASP A 30 14.52 0.00 -3.53
CA ASP A 30 14.77 -0.09 -4.98
C ASP A 30 13.56 -0.54 -5.83
N ARG A 31 12.70 -1.39 -5.29
CA ARG A 31 11.63 -2.00 -6.07
C ARG A 31 10.26 -1.38 -5.84
N ASN A 32 10.21 -0.35 -5.00
CA ASN A 32 8.98 0.42 -4.79
C ASN A 32 9.15 1.88 -5.26
N PHE A 33 8.14 2.43 -5.90
CA PHE A 33 8.12 3.84 -6.34
C PHE A 33 7.04 4.68 -5.67
N THR A 34 6.31 4.06 -4.75
CA THR A 34 5.37 4.75 -3.90
C THR A 34 5.56 4.29 -2.46
N CYS A 35 5.03 5.10 -1.54
CA CYS A 35 5.06 4.83 -0.11
C CYS A 35 3.92 5.56 0.57
N THR A 36 3.73 5.31 1.85
CA THR A 36 2.80 6.10 2.66
C THR A 36 3.63 6.87 3.65
N VAL A 37 3.31 8.16 3.82
CA VAL A 37 4.05 8.98 4.76
C VAL A 37 3.11 9.40 5.84
N SER A 38 3.47 9.08 7.09
CA SER A 38 2.59 9.37 8.19
C SER A 38 3.22 10.44 9.08
N PHE A 39 2.39 11.38 9.53
CA PHE A 39 2.91 12.55 10.26
C PHE A 39 1.88 13.13 11.19
N ILE A 40 2.32 13.99 12.10
CA ILE A 40 1.44 14.65 13.04
C ILE A 40 1.25 16.12 12.67
N ASP A 41 -0.01 16.56 12.66
CA ASP A 41 -0.35 17.91 12.26
C ASP A 41 -1.45 18.41 13.19
N GLY A 42 -1.11 19.36 14.05
CA GLY A 42 -2.00 19.73 15.15
C GLY A 42 -2.45 18.54 15.97
N GLY A 43 -1.49 17.73 16.41
CA GLY A 43 -1.76 16.55 17.24
C GLY A 43 -2.67 15.49 16.66
N ILE A 44 -2.86 15.51 15.33
CA ILE A 44 -3.70 14.58 14.60
C ILE A 44 -2.75 13.84 13.63
N PRO A 45 -2.79 12.50 13.64
CA PRO A 45 -1.97 11.75 12.69
C PRO A 45 -2.56 11.82 11.28
N TYR A 46 -1.72 12.00 10.30
CA TYR A 46 -2.15 11.95 8.91
C TYR A 46 -1.31 10.92 8.21
N ALA A 47 -1.84 10.41 7.11
CA ALA A 47 -1.11 9.47 6.27
C ALA A 47 -1.49 9.80 4.85
N ILE A 48 -0.49 10.08 4.02
CA ILE A 48 -0.72 10.40 2.61
C ILE A 48 0.23 9.60 1.71
N PRO A 49 -0.22 9.23 0.52
CA PRO A 49 0.67 8.56 -0.38
C PRO A 49 1.65 9.51 -1.05
N MSE A 50 2.87 9.05 -1.29
CA MSE A 50 3.88 9.84 -1.98
C MSE A 50 4.76 8.97 -2.88
O MSE A 50 4.95 7.77 -2.64
CB MSE A 50 4.73 10.62 -1.00
CB MSE A 50 4.85 10.49 -0.99
CG MSE A 50 3.96 11.72 -0.33
CG MSE A 50 4.23 11.37 0.08
SE MSE A 50 5.12 12.88 0.70
SE MSE A 50 3.79 13.10 -0.67
CE MSE A 50 6.00 13.89 -0.72
CE MSE A 50 5.49 14.06 -0.59
N MSE A 51 5.32 9.62 -3.91
CA MSE A 51 6.26 8.96 -4.81
C MSE A 51 7.53 8.78 -4.05
O MSE A 51 7.89 9.60 -3.23
CB MSE A 51 6.48 9.74 -6.10
CB MSE A 51 6.55 9.87 -6.00
CG MSE A 51 5.33 9.63 -7.13
CG MSE A 51 5.33 10.25 -6.83
SE MSE A 51 5.69 10.49 -8.82
SE MSE A 51 4.65 8.64 -7.61
CE MSE A 51 7.18 9.45 -9.42
CE MSE A 51 6.33 7.96 -8.41
N LEU A 52 8.21 7.66 -4.29
CA LEU A 52 9.38 7.25 -3.52
C LEU A 52 10.64 7.23 -4.38
N ALA A 53 11.38 8.32 -4.32
CA ALA A 53 12.71 8.29 -4.91
C ALA A 53 13.64 7.82 -3.84
N SER A 54 14.72 7.14 -4.23
CA SER A 54 15.62 6.64 -3.23
C SER A 54 16.92 6.35 -3.88
N GLU A 55 17.97 6.36 -3.05
CA GLU A 55 19.27 5.93 -3.41
C GLU A 55 19.93 5.32 -2.17
N GLY A 56 20.18 4.01 -2.25
CA GLY A 56 20.67 3.27 -1.11
C GLY A 56 19.59 3.33 -0.05
N LYS A 57 19.98 3.63 1.20
CA LYS A 57 18.98 3.85 2.26
C LYS A 57 18.31 5.22 2.29
N THR A 58 18.80 6.18 1.51
CA THR A 58 18.22 7.52 1.50
C THR A 58 17.02 7.65 0.60
N ILE A 59 15.96 8.20 1.17
CA ILE A 59 14.68 8.42 0.55
C ILE A 59 14.62 9.90 0.21
N TYR A 60 14.10 10.23 -0.97
CA TYR A 60 13.85 11.61 -1.38
C TYR A 60 12.38 11.79 -1.68
N LEU A 61 11.78 12.75 -0.99
CA LEU A 61 10.39 13.15 -1.21
C LEU A 61 10.35 14.45 -2.01
N HIS A 62 9.35 14.58 -2.88
CA HIS A 62 9.23 15.80 -3.69
C HIS A 62 7.77 16.14 -3.92
N GLY A 63 7.54 17.38 -4.32
CA GLY A 63 6.20 17.86 -4.54
C GLY A 63 6.06 19.36 -4.72
N SER A 64 4.82 19.84 -4.63
CA SER A 64 4.53 21.22 -4.83
C SER A 64 4.71 21.97 -3.53
N MSE A 65 5.28 23.16 -3.63
CA MSE A 65 5.45 23.99 -2.46
C MSE A 65 4.12 24.55 -1.98
O MSE A 65 4.02 24.98 -0.85
CB MSE A 65 6.42 25.10 -2.79
CG MSE A 65 7.74 24.62 -3.36
SE MSE A 65 9.15 25.97 -3.07
CE MSE A 65 10.59 24.79 -2.36
N LYS A 66 3.09 24.51 -2.82
CA LYS A 66 1.76 24.95 -2.41
C LYS A 66 1.04 23.91 -1.50
N SER A 67 1.60 22.71 -1.38
CA SER A 67 0.99 21.64 -0.55
C SER A 67 1.23 21.78 0.93
N ARG A 68 0.29 21.30 1.73
CA ARG A 68 0.42 21.32 3.19
C ARG A 68 1.59 20.46 3.70
N ILE A 69 1.90 19.40 2.94
CA ILE A 69 3.01 18.53 3.27
C ILE A 69 4.34 19.29 3.27
N TYR A 70 4.48 20.30 2.43
CA TYR A 70 5.74 21.10 2.43
C TYR A 70 6.06 21.70 3.79
N GLY A 71 5.10 22.40 4.36
CA GLY A 71 5.24 23.01 5.68
C GLY A 71 5.57 22.01 6.76
N ILE A 72 4.97 20.82 6.68
CA ILE A 72 5.23 19.76 7.63
C ILE A 72 6.67 19.32 7.50
N LEU A 73 7.12 19.04 6.28
CA LEU A 73 8.50 18.58 6.07
C LEU A 73 9.54 19.61 6.48
N LYS A 74 9.22 20.89 6.27
CA LYS A 74 10.09 22.00 6.69
C LYS A 74 10.38 21.99 8.22
N THR A 75 9.44 21.49 9.02
CA THR A 75 9.65 21.43 10.46
C THR A 75 10.80 20.53 10.87
N GLY A 76 11.05 19.51 10.05
CA GLY A 76 12.05 18.49 10.34
C GLY A 76 11.57 17.47 11.37
N GLN A 77 10.26 17.44 11.65
CA GLN A 77 9.68 16.50 12.63
C GLN A 77 9.93 15.06 12.18
N LEU A 78 9.95 14.15 13.13
CA LEU A 78 10.05 12.74 12.79
C LEU A 78 8.80 12.33 11.99
N ILE A 79 9.04 11.70 10.83
CA ILE A 79 7.97 11.15 10.00
C ILE A 79 8.16 9.62 9.90
N ALA A 80 7.06 8.91 9.62
CA ALA A 80 7.06 7.47 9.46
C ALA A 80 6.74 7.16 8.01
N ILE A 81 7.68 6.52 7.34
CA ILE A 81 7.47 6.10 5.97
C ILE A 81 7.25 4.58 5.96
N SER A 82 6.13 4.17 5.39
CA SER A 82 5.73 2.76 5.32
C SER A 82 5.63 2.26 3.87
N LEU A 83 6.04 1.01 3.70
CA LEU A 83 5.94 0.30 2.46
C LEU A 83 5.17 -1.00 2.69
N LEU A 84 4.42 -1.45 1.68
CA LEU A 84 3.65 -2.69 1.80
C LEU A 84 3.57 -3.39 0.44
N GLU A 85 3.96 -4.66 0.40
CA GLU A 85 3.88 -5.50 -0.82
C GLU A 85 2.99 -6.69 -0.50
N ILE A 86 1.91 -6.88 -1.24
CA ILE A 86 0.97 -7.96 -1.03
C ILE A 86 1.12 -9.03 -2.10
N ASN A 87 1.37 -10.25 -1.66
CA ASN A 87 1.82 -11.33 -2.58
C ASN A 87 0.90 -12.55 -2.69
N GLY A 88 0.04 -12.76 -1.70
CA GLY A 88 -0.93 -13.85 -1.82
C GLY A 88 -1.90 -13.93 -0.69
N ILE A 89 -3.01 -14.64 -0.91
CA ILE A 89 -3.99 -14.95 0.09
C ILE A 89 -3.73 -16.38 0.62
N VAL A 90 -3.50 -16.53 1.92
CA VAL A 90 -3.20 -17.83 2.50
C VAL A 90 -4.48 -18.44 3.05
N LEU A 91 -4.92 -19.54 2.42
CA LEU A 91 -6.15 -20.25 2.83
C LEU A 91 -5.79 -21.54 3.54
N ALA A 92 -5.94 -21.53 4.86
CA ALA A 92 -5.73 -22.68 5.70
C ALA A 92 -7.04 -23.44 5.89
N LYS A 93 -6.93 -24.70 6.33
CA LYS A 93 -8.09 -25.53 6.60
C LYS A 93 -8.97 -24.87 7.68
N GLU A 94 -8.30 -24.25 8.66
CA GLU A 94 -8.98 -23.48 9.71
C GLU A 94 -8.95 -22.01 9.37
N ILE A 95 -10.13 -21.37 9.37
CA ILE A 95 -10.28 -19.94 9.16
C ILE A 95 -9.29 -19.14 10.02
N LYS A 96 -9.07 -19.56 11.27
CA LYS A 96 -8.19 -18.83 12.18
C LYS A 96 -6.72 -18.85 11.73
N ASN A 97 -6.38 -19.73 10.80
CA ASN A 97 -5.01 -19.84 10.25
C ASN A 97 -4.89 -19.16 8.88
N ASN A 98 -5.97 -18.53 8.40
CA ASN A 98 -5.95 -17.79 7.11
C ASN A 98 -5.04 -16.58 7.33
N SER A 99 -4.25 -16.19 6.33
CA SER A 99 -3.50 -14.94 6.42
C SER A 99 -3.20 -14.40 5.03
N ILE A 100 -2.24 -13.48 4.96
CA ILE A 100 -1.83 -12.86 3.71
C ILE A 100 -0.32 -13.02 3.68
N ASN A 101 0.23 -13.29 2.52
CA ASN A 101 1.66 -13.26 2.37
C ASN A 101 2.02 -11.86 1.88
N TYR A 102 2.99 -11.26 2.55
CA TYR A 102 3.27 -9.83 2.34
C TYR A 102 4.70 -9.51 2.77
N VAL A 103 5.15 -8.30 2.40
CA VAL A 103 6.36 -7.75 2.97
C VAL A 103 6.04 -6.30 3.34
N SER A 104 6.54 -5.84 4.48
CA SER A 104 6.24 -4.48 4.94
C SER A 104 7.47 -3.87 5.54
N ALA A 105 7.54 -2.54 5.48
CA ALA A 105 8.63 -1.79 6.14
C ALA A 105 8.07 -0.56 6.80
N LEU A 106 8.65 -0.19 7.93
CA LEU A 106 8.33 1.07 8.61
C LEU A 106 9.66 1.77 8.92
N ILE A 107 9.81 2.96 8.34
CA ILE A 107 11.05 3.75 8.36
C ILE A 107 10.80 5.09 9.07
N PHE A 108 11.61 5.38 10.09
CA PHE A 108 11.53 6.63 10.82
C PHE A 108 12.70 7.55 10.46
N GLY A 109 12.39 8.80 10.13
CA GLY A 109 13.44 9.76 9.77
C GLY A 109 13.02 11.22 9.89
N ARG A 110 14.02 12.09 9.98
CA ARG A 110 13.84 13.55 10.08
C ARG A 110 14.30 14.20 8.78
N PRO A 111 13.35 14.77 8.02
CA PRO A 111 13.68 15.36 6.73
C PRO A 111 14.57 16.61 6.77
N TYR A 112 15.39 16.75 5.74
CA TYR A 112 16.05 18.02 5.45
C TYR A 112 15.90 18.45 3.97
N GLU A 113 15.78 19.75 3.76
CA GLU A 113 15.50 20.29 2.44
C GLU A 113 16.77 20.37 1.62
N ILE A 114 16.69 19.87 0.39
CA ILE A 114 17.74 20.03 -0.61
C ILE A 114 17.57 21.36 -1.33
N ASP A 115 18.60 22.21 -1.26
CA ASP A 115 18.51 23.57 -1.80
C ASP A 115 19.16 23.75 -3.21
N ASP A 116 20.15 22.95 -3.57
CA ASP A 116 20.82 23.17 -4.87
C ASP A 116 20.12 22.46 -6.05
N THR A 117 20.07 23.15 -7.17
CA THR A 117 19.28 22.67 -8.30
C THR A 117 19.92 21.42 -8.92
N GLU A 118 21.24 21.31 -8.86
CA GLU A 118 21.90 20.13 -9.41
C GLU A 118 21.54 18.87 -8.65
N LYS A 119 21.46 18.93 -7.33
CA LYS A 119 21.06 17.75 -6.55
C LYS A 119 19.60 17.42 -6.80
N LYS A 120 18.75 18.44 -6.95
CA LYS A 120 17.37 18.23 -7.33
C LYS A 120 17.25 17.52 -8.70
N ILE A 121 18.04 17.94 -9.68
CA ILE A 121 18.10 17.27 -10.97
C ILE A 121 18.47 15.80 -10.80
N GLU A 122 19.53 15.51 -10.03
CA GLU A 122 19.95 14.14 -9.78
C GLU A 122 18.80 13.29 -9.20
N VAL A 123 18.00 13.89 -8.31
CA VAL A 123 16.91 13.18 -7.65
C VAL A 123 15.82 12.83 -8.68
N PHE A 124 15.50 13.77 -9.55
CA PHE A 124 14.53 13.49 -10.61
C PHE A 124 15.00 12.39 -11.59
N ARG A 125 16.30 12.35 -11.85
CA ARG A 125 16.87 11.34 -12.72
C ARG A 125 16.77 9.98 -12.04
N LEU A 126 17.11 9.93 -10.74
CA LEU A 126 17.02 8.68 -9.94
C LEU A 126 15.58 8.15 -9.94
N LEU A 127 14.62 9.03 -9.69
CA LEU A 127 13.19 8.65 -9.68
C LEU A 127 12.73 8.13 -11.03
N THR A 128 13.13 8.84 -12.09
CA THR A 128 12.75 8.47 -13.46
C THR A 128 13.31 7.12 -13.83
N GLU A 129 14.59 6.87 -13.52
CA GLU A 129 15.17 5.60 -13.84
C GLU A 129 14.57 4.45 -13.01
N LYS A 130 14.04 4.74 -11.81
CA LYS A 130 13.38 3.70 -11.02
C LYS A 130 12.03 3.37 -11.66
N LEU A 131 11.28 4.37 -12.10
CA LEU A 131 10.02 4.10 -12.79
C LEU A 131 10.22 3.36 -14.13
N VAL A 132 10.97 3.96 -15.07
CA VAL A 132 11.23 3.34 -16.38
C VAL A 132 12.68 3.57 -16.75
N LYS A 133 13.50 2.53 -16.64
CA LYS A 133 14.90 2.66 -17.05
C LYS A 133 15.05 3.01 -18.56
N GLY A 134 15.84 4.03 -18.87
CA GLY A 134 15.96 4.53 -20.25
C GLY A 134 15.15 5.78 -20.59
N ARG A 135 14.21 6.12 -19.73
CA ARG A 135 13.29 7.20 -20.02
C ARG A 135 13.89 8.61 -19.87
N TRP A 136 14.72 8.84 -18.84
CA TRP A 136 15.33 10.15 -18.62
C TRP A 136 15.97 10.71 -19.89
N ASP A 137 16.79 9.89 -20.50
CA ASP A 137 17.51 10.30 -21.71
C ASP A 137 16.58 10.81 -22.82
N ASN A 138 15.42 10.18 -22.99
CA ASN A 138 14.50 10.40 -24.11
C ASN A 138 13.29 11.28 -23.66
N SER A 139 13.50 12.16 -22.70
CA SER A 139 12.42 12.96 -22.14
C SER A 139 12.91 14.41 -21.88
N ILE A 140 11.99 15.38 -21.98
CA ILE A 140 12.31 16.80 -21.69
C ILE A 140 12.60 17.01 -20.21
N LYS A 141 13.82 17.48 -19.94
CA LYS A 141 14.34 17.67 -18.56
C LYS A 141 13.79 18.93 -17.91
N PRO A 142 13.67 18.94 -16.59
CA PRO A 142 13.15 20.17 -15.94
C PRO A 142 14.03 21.40 -16.09
N SER A 143 13.42 22.54 -16.34
CA SER A 143 14.13 23.80 -16.43
C SER A 143 14.48 24.27 -15.01
N TYR A 144 15.28 25.32 -14.92
CA TYR A 144 15.58 25.94 -13.64
C TYR A 144 14.29 26.52 -13.00
N GLU A 145 13.45 27.14 -13.83
CA GLU A 145 12.16 27.67 -13.36
C GLU A 145 11.31 26.53 -12.78
N ASP A 146 11.23 25.41 -13.49
CA ASP A 146 10.44 24.24 -13.05
C ASP A 146 10.94 23.75 -11.69
N LEU A 147 12.25 23.63 -11.55
CA LEU A 147 12.84 23.12 -10.32
C LEU A 147 12.60 24.05 -9.11
N ASN A 148 12.52 25.34 -9.37
CA ASN A 148 12.28 26.33 -8.31
C ASN A 148 10.86 26.16 -7.73
N GLY A 149 9.98 25.48 -8.47
CA GLY A 149 8.62 25.23 -8.00
C GLY A 149 8.40 23.88 -7.28
N VAL A 150 9.42 23.05 -7.18
CA VAL A 150 9.26 21.74 -6.60
C VAL A 150 10.20 21.62 -5.41
N PHE A 151 9.65 21.24 -4.25
CA PHE A 151 10.47 20.88 -3.11
C PHE A 151 11.07 19.49 -3.28
N VAL A 152 12.27 19.31 -2.73
CA VAL A 152 12.91 18.00 -2.54
C VAL A 152 13.44 17.94 -1.10
N PHE A 153 13.10 16.87 -0.36
CA PHE A 153 13.69 16.57 0.96
C PHE A 153 14.43 15.24 0.93
N ALA A 154 15.59 15.15 1.61
CA ALA A 154 16.22 13.86 1.92
C ALA A 154 15.74 13.39 3.30
N VAL A 155 15.37 12.12 3.38
CA VAL A 155 15.08 11.45 4.65
C VAL A 155 16.02 10.22 4.78
N LYS A 156 16.99 10.30 5.70
CA LYS A 156 17.84 9.17 6.07
C LYS A 156 17.22 8.42 7.27
N PRO A 157 17.17 7.08 7.21
CA PRO A 157 16.55 6.36 8.34
C PRO A 157 17.23 6.54 9.71
N GLU A 158 16.49 6.99 10.71
CA GLU A 158 16.98 7.01 12.08
C GLU A 158 16.84 5.62 12.71
N THR A 159 15.70 4.99 12.44
CA THR A 159 15.48 3.56 12.68
C THR A 159 14.56 3.01 11.59
N PHE A 160 14.56 1.69 11.45
CA PHE A 160 13.62 1.02 10.60
C PHE A 160 13.40 -0.46 11.02
N SER A 161 12.26 -1.01 10.59
CA SER A 161 11.95 -2.40 10.79
C SER A 161 11.14 -2.92 9.60
N MSE A 162 11.22 -4.23 9.41
CA MSE A 162 10.53 -4.93 8.35
C MSE A 162 9.91 -6.22 8.86
O MSE A 162 10.37 -6.81 9.80
CB MSE A 162 11.52 -5.22 7.28
CG MSE A 162 11.90 -3.96 6.45
SE MSE A 162 13.38 -4.43 5.22
CE MSE A 162 14.46 -5.36 6.54
N LYS A 163 8.81 -6.62 8.21
CA LYS A 163 8.09 -7.82 8.58
C LYS A 163 7.62 -8.45 7.27
N ALA A 164 7.49 -9.77 7.25
CA ALA A 164 7.02 -10.50 6.06
C ALA A 164 6.43 -11.83 6.49
N ARG A 165 5.49 -12.30 5.69
CA ARG A 165 5.07 -13.72 5.70
C ARG A 165 5.16 -14.25 4.27
N THR A 166 5.74 -15.45 4.18
CA THR A 166 5.86 -16.21 2.96
C THR A 166 5.45 -17.66 3.26
N GLY A 167 5.17 -18.37 2.17
CA GLY A 167 4.94 -19.79 2.18
C GLY A 167 3.50 -20.22 2.43
N PRO A 168 3.32 -21.54 2.58
CA PRO A 168 2.04 -22.19 2.72
C PRO A 168 1.36 -21.92 4.07
N PRO A 169 0.09 -22.27 4.15
CA PRO A 169 -0.60 -22.24 5.43
C PRO A 169 -0.07 -23.28 6.41
N HIS A 170 -0.38 -23.05 7.68
CA HIS A 170 -0.04 -23.95 8.78
C HIS A 170 -1.32 -24.58 9.23
N ASP A 171 -1.31 -25.90 9.40
CA ASP A 171 -2.50 -26.63 9.86
C ASP A 171 -2.11 -27.84 10.69
N THR A 172 -3.02 -28.28 11.54
CA THR A 172 -2.89 -29.58 12.19
C THR A 172 -4.02 -30.57 11.77
N SER A 173 -5.13 -30.07 11.23
CA SER A 173 -6.26 -30.92 10.92
C SER A 173 -6.01 -31.87 9.79
N THR A 174 -6.59 -33.08 9.91
CA THR A 174 -6.60 -34.07 8.86
C THR A 174 -7.78 -33.93 7.88
N ASP A 175 -8.72 -33.01 8.12
CA ASP A 175 -9.94 -32.89 7.30
C ASP A 175 -9.65 -32.69 5.83
N ASP A 176 -10.53 -33.22 4.99
CA ASP A 176 -10.41 -33.12 3.53
C ASP A 176 -10.88 -31.73 3.08
N ILE A 177 -10.02 -30.74 3.33
CA ILE A 177 -10.29 -29.35 2.97
C ILE A 177 -9.07 -28.86 2.21
N TRP A 178 -9.30 -28.32 1.00
CA TRP A 178 -8.18 -27.85 0.19
C TRP A 178 -7.50 -26.69 0.90
N SER A 179 -6.18 -26.63 0.86
CA SER A 179 -5.48 -25.52 1.49
C SER A 179 -4.35 -25.13 0.58
N GLY A 180 -3.94 -23.86 0.61
CA GLY A 180 -2.94 -23.41 -0.32
C GLY A 180 -2.83 -21.89 -0.34
N VAL A 181 -2.03 -21.37 -1.27
CA VAL A 181 -1.83 -19.90 -1.43
C VAL A 181 -2.36 -19.46 -2.78
N LEU A 182 -3.23 -18.46 -2.79
CA LEU A 182 -3.65 -17.83 -4.04
C LEU A 182 -2.69 -16.67 -4.29
N PRO A 183 -1.76 -16.82 -5.25
CA PRO A 183 -0.76 -15.79 -5.53
C PRO A 183 -1.44 -14.55 -6.08
N ILE A 184 -0.96 -13.37 -5.72
CA ILE A 184 -1.38 -12.12 -6.35
C ILE A 184 -0.18 -11.54 -7.09
N GLN A 185 -0.34 -11.33 -8.39
CA GLN A 185 0.72 -10.83 -9.30
C GLN A 185 0.42 -9.37 -9.68
N HIS A 186 1.48 -8.57 -9.72
CA HIS A 186 1.41 -7.17 -10.12
C HIS A 186 2.27 -7.08 -11.38
N THR A 187 1.62 -6.74 -12.50
CA THR A 187 2.23 -6.84 -13.82
C THR A 187 2.05 -5.53 -14.59
N ILE A 188 3.08 -5.12 -15.33
CA ILE A 188 2.90 -4.01 -16.30
C ILE A 188 2.33 -4.62 -17.57
N SER A 189 1.20 -4.10 -18.05
CA SER A 189 0.65 -4.54 -19.31
C SER A 189 0.99 -3.59 -20.54
N GLU A 190 0.61 -4.02 -21.73
CA GLU A 190 1.01 -3.37 -22.97
C GLU A 190 0.40 -1.97 -23.10
N ALA A 191 1.23 -1.02 -23.57
CA ALA A 191 0.84 0.35 -23.77
C ALA A 191 0.85 0.72 -25.25
N GLY A 192 0.98 -0.27 -26.14
CA GLY A 192 1.02 -0.06 -27.60
C GLY A 192 2.32 -0.45 -28.26
N GLU A 193 2.20 -0.85 -29.51
CA GLU A 193 3.34 -1.28 -30.32
C GLU A 193 4.22 -0.13 -30.80
N ASN A 194 3.75 1.11 -30.76
CA ASN A 194 4.63 2.19 -31.21
C ASN A 194 5.51 2.79 -30.11
N ALA A 195 5.43 2.27 -28.89
CA ALA A 195 6.30 2.68 -27.77
C ALA A 195 7.78 2.36 -28.06
N PRO A 196 8.71 3.16 -27.53
CA PRO A 196 10.14 2.79 -27.73
C PRO A 196 10.49 1.48 -27.02
N GLU A 197 11.59 0.87 -27.43
CA GLU A 197 11.95 -0.44 -26.90
C GLU A 197 12.15 -0.46 -25.40
N TYR A 198 12.69 0.59 -24.80
CA TYR A 198 12.83 0.64 -23.34
C TYR A 198 11.49 0.57 -22.60
N VAL A 199 10.43 1.07 -23.22
CA VAL A 199 9.10 0.92 -22.67
C VAL A 199 8.57 -0.48 -22.93
N LYS A 200 8.70 -0.97 -24.16
CA LYS A 200 8.17 -2.29 -24.49
C LYS A 200 8.84 -3.42 -23.72
N SER A 201 10.07 -3.21 -23.26
CA SER A 201 10.75 -4.20 -22.44
C SER A 201 10.06 -4.44 -21.09
N LEU A 202 9.10 -3.59 -20.71
CA LEU A 202 8.37 -3.74 -19.47
C LEU A 202 6.99 -4.44 -19.60
N TYR A 203 6.49 -4.53 -20.82
CA TYR A 203 5.27 -5.26 -21.11
C TYR A 203 5.33 -6.71 -20.59
N GLY A 204 4.41 -7.05 -19.72
CA GLY A 204 4.39 -8.36 -19.06
C GLY A 204 5.25 -8.52 -17.82
N LYS A 205 6.03 -7.51 -17.44
CA LYS A 205 6.93 -7.66 -16.33
C LYS A 205 6.18 -7.65 -15.02
N ARG A 206 6.48 -8.61 -14.14
CA ARG A 206 5.92 -8.57 -12.80
C ARG A 206 6.83 -7.76 -11.87
N ILE A 207 6.18 -6.88 -11.11
CA ILE A 207 6.85 -5.88 -10.33
C ILE A 207 6.47 -6.04 -8.83
N PHE A 208 7.09 -5.21 -8.01
CA PHE A 208 6.91 -5.18 -6.56
C PHE A 208 7.35 -6.49 -5.92
N ILE A 209 8.32 -7.15 -6.56
CA ILE A 209 8.90 -8.40 -6.07
C ILE A 209 10.42 -8.43 -6.21
N TYR B 20 -16.59 12.91 -4.72
CA TYR B 20 -16.81 11.53 -4.16
C TYR B 20 -17.74 11.51 -2.93
N SER B 21 -18.34 10.35 -2.70
CA SER B 21 -19.42 10.18 -1.81
C SER B 21 -19.12 9.02 -0.88
N ASP B 22 -20.01 8.80 0.09
CA ASP B 22 -20.02 7.58 0.91
C ASP B 22 -19.97 6.34 0.04
N GLU B 23 -20.73 6.32 -1.06
CA GLU B 23 -20.76 5.13 -1.91
C GLU B 23 -19.37 4.86 -2.51
N ASP B 24 -18.65 5.91 -2.89
CA ASP B 24 -17.28 5.67 -3.36
C ASP B 24 -16.38 5.06 -2.30
N LEU B 25 -16.53 5.49 -1.05
CA LEU B 25 -15.69 4.94 0.02
C LEU B 25 -16.04 3.47 0.25
N VAL B 26 -17.33 3.15 0.30
CA VAL B 26 -17.78 1.74 0.51
C VAL B 26 -17.28 0.83 -0.62
N ALA B 27 -17.33 1.34 -1.86
CA ALA B 27 -16.84 0.59 -2.99
C ALA B 27 -15.35 0.32 -2.83
N MSE B 28 -14.58 1.32 -2.44
CA MSE B 28 -13.14 1.05 -2.22
C MSE B 28 -12.92 0.09 -1.01
O MSE B 28 -12.12 -0.82 -1.10
CB MSE B 28 -12.32 2.35 -2.08
CG MSE B 28 -10.86 2.11 -2.01
SE MSE B 28 -9.92 3.83 -1.84
CE MSE B 28 -8.10 3.26 -2.29
N LEU B 29 -13.69 0.26 0.06
CA LEU B 29 -13.61 -0.67 1.23
C LEU B 29 -13.92 -2.14 0.82
N ASP B 30 -14.95 -2.32 0.01
CA ASP B 30 -15.42 -3.64 -0.47
C ASP B 30 -14.35 -4.34 -1.24
N ARG B 31 -13.57 -3.58 -1.99
CA ARG B 31 -12.55 -4.19 -2.85
C ARG B 31 -11.18 -4.30 -2.26
N ASN B 32 -10.97 -3.83 -1.04
CA ASN B 32 -9.60 -4.07 -0.43
C ASN B 32 -9.69 -4.97 0.80
N PHE B 33 -8.60 -5.68 1.11
CA PHE B 33 -8.62 -6.54 2.28
C PHE B 33 -7.46 -6.21 3.19
N THR B 34 -6.71 -5.17 2.84
CA THR B 34 -5.61 -4.69 3.70
C THR B 34 -5.71 -3.17 3.80
N CYS B 35 -5.07 -2.61 4.82
CA CYS B 35 -5.03 -1.15 5.04
C CYS B 35 -3.77 -0.78 5.84
N THR B 36 -3.48 0.51 5.90
CA THR B 36 -2.48 1.01 6.83
C THR B 36 -3.21 1.77 7.92
N VAL B 37 -2.82 1.46 9.17
CA VAL B 37 -3.35 2.13 10.33
C VAL B 37 -2.25 2.97 10.98
N SER B 38 -2.52 4.26 11.06
CA SER B 38 -1.57 5.23 11.60
C SER B 38 -2.10 5.84 12.89
N PHE B 39 -1.20 6.03 13.85
CA PHE B 39 -1.58 6.47 15.18
C PHE B 39 -0.39 7.14 15.91
N ILE B 40 -0.68 7.82 17.02
CA ILE B 40 0.37 8.54 17.77
C ILE B 40 0.67 7.79 19.05
N ASP B 41 1.95 7.54 19.32
CA ASP B 41 2.38 6.74 20.47
C ASP B 41 3.73 7.26 20.95
N GLY B 42 3.76 7.74 22.20
CA GLY B 42 4.94 8.42 22.73
C GLY B 42 5.32 9.64 21.91
N GLY B 43 4.31 10.34 21.42
CA GLY B 43 4.53 11.53 20.62
C GLY B 43 5.07 11.34 19.20
N ILE B 44 5.20 10.10 18.73
CA ILE B 44 5.61 9.90 17.35
C ILE B 44 4.56 9.12 16.62
N PRO B 45 4.50 9.28 15.28
CA PRO B 45 3.57 8.57 14.44
C PRO B 45 4.11 7.18 14.04
N TYR B 46 3.26 6.18 14.13
CA TYR B 46 3.55 4.83 13.68
C TYR B 46 2.59 4.51 12.56
N ALA B 47 2.95 3.60 11.68
CA ALA B 47 2.05 3.14 10.62
C ALA B 47 2.22 1.66 10.50
N ILE B 48 1.16 0.88 10.66
CA ILE B 48 1.29 -0.58 10.56
C ILE B 48 0.21 -1.17 9.66
N PRO B 49 0.56 -2.19 8.87
CA PRO B 49 -0.44 -2.81 7.98
C PRO B 49 -1.41 -3.69 8.75
N MSE B 50 -2.69 -3.68 8.36
CA MSE B 50 -3.69 -4.54 9.04
C MSE B 50 -4.69 -5.14 8.05
O MSE B 50 -5.03 -4.52 7.05
CB MSE B 50 -4.51 -3.70 10.03
CB MSE B 50 -4.41 -3.75 10.13
CG MSE B 50 -3.72 -3.00 11.13
CG MSE B 50 -3.46 -3.32 11.26
SE MSE B 50 -3.27 -4.23 12.56
SE MSE B 50 -4.33 -2.86 12.93
CE MSE B 50 -5.07 -4.63 13.24
CE MSE B 50 -4.73 -4.64 13.65
N MSE B 51 -5.22 -6.34 8.37
CA MSE B 51 -6.33 -6.92 7.57
C MSE B 51 -7.53 -5.99 7.69
O MSE B 51 -7.83 -5.52 8.78
CB MSE B 51 -6.74 -8.28 8.12
CB MSE B 51 -6.71 -8.38 8.01
CG MSE B 51 -5.67 -9.29 8.03
CG MSE B 51 -5.53 -9.38 8.34
SE MSE B 51 -5.06 -9.35 6.22
SE MSE B 51 -5.67 -11.34 7.76
CE MSE B 51 -6.69 -9.92 5.38
CE MSE B 51 -6.53 -12.33 9.19
N LEU B 52 -8.24 -5.78 6.57
CA LEU B 52 -9.44 -4.94 6.53
C LEU B 52 -10.75 -5.70 6.33
N ALA B 53 -11.42 -6.02 7.44
CA ALA B 53 -12.84 -6.43 7.39
C ALA B 53 -13.71 -5.17 7.32
N SER B 54 -14.81 -5.24 6.60
CA SER B 54 -15.74 -4.12 6.57
C SER B 54 -17.13 -4.54 6.19
N GLU B 55 -18.09 -3.69 6.47
CA GLU B 55 -19.43 -3.88 5.96
C GLU B 55 -19.95 -2.50 5.86
N GLY B 56 -20.28 -2.08 4.64
CA GLY B 56 -20.65 -0.66 4.44
C GLY B 56 -19.46 0.21 4.80
N LYS B 57 -19.70 1.28 5.57
CA LYS B 57 -18.61 2.19 5.95
C LYS B 57 -17.88 1.76 7.22
N THR B 58 -18.33 0.70 7.92
CA THR B 58 -17.71 0.24 9.16
C THR B 58 -16.56 -0.65 8.89
N ILE B 59 -15.48 -0.38 9.58
CA ILE B 59 -14.24 -1.12 9.47
C ILE B 59 -14.07 -1.92 10.77
N TYR B 60 -13.66 -3.17 10.63
CA TYR B 60 -13.31 -4.03 11.75
C TYR B 60 -11.85 -4.44 11.66
N LEU B 61 -11.14 -4.18 12.75
CA LEU B 61 -9.74 -4.59 12.89
C LEU B 61 -9.70 -5.71 13.92
N HIS B 62 -8.79 -6.66 13.72
CA HIS B 62 -8.61 -7.75 14.66
C HIS B 62 -7.12 -8.06 14.88
N GLY B 63 -6.84 -8.79 15.94
CA GLY B 63 -5.51 -9.32 16.24
C GLY B 63 -5.41 -9.94 17.63
N SER B 64 -4.18 -10.16 18.08
CA SER B 64 -3.87 -10.77 19.38
C SER B 64 -3.93 -9.72 20.44
N MSE B 65 -4.61 -10.03 21.55
CA MSE B 65 -4.65 -9.10 22.66
C MSE B 65 -3.29 -9.00 23.33
O MSE B 65 -3.07 -8.10 24.14
CB MSE B 65 -5.70 -9.57 23.67
CG MSE B 65 -7.09 -9.26 23.24
SE MSE B 65 -8.37 -9.98 24.50
CE MSE B 65 -10.14 -9.44 23.76
N LYS B 66 -2.37 -9.91 23.00
CA LYS B 66 -1.02 -9.82 23.53
C LYS B 66 -0.14 -8.80 22.77
N SER B 67 -0.69 -8.15 21.74
CA SER B 67 0.06 -7.15 20.93
C SER B 67 -0.03 -5.70 21.40
N ARG B 68 1.00 -4.91 21.07
CA ARG B 68 1.05 -3.47 21.39
C ARG B 68 -0.16 -2.69 20.83
N ILE B 69 -0.55 -3.02 19.60
CA ILE B 69 -1.68 -2.39 18.94
C ILE B 69 -2.98 -2.58 19.74
N TYR B 70 -3.13 -3.70 20.44
CA TYR B 70 -4.33 -3.89 21.27
C TYR B 70 -4.52 -2.74 22.26
N GLY B 71 -3.48 -2.48 23.03
CA GLY B 71 -3.44 -1.36 23.97
C GLY B 71 -3.65 0.01 23.33
N ILE B 72 -3.07 0.22 22.15
CA ILE B 72 -3.32 1.48 21.44
C ILE B 72 -4.80 1.62 21.11
N LEU B 73 -5.38 0.60 20.50
CA LEU B 73 -6.79 0.64 20.13
C LEU B 73 -7.74 0.72 21.33
N LYS B 74 -7.36 0.05 22.43
CA LYS B 74 -8.21 0.08 23.64
C LYS B 74 -8.32 1.50 24.19
N THR B 75 -7.30 2.35 23.96
CA THR B 75 -7.40 3.76 24.37
C THR B 75 -8.60 4.49 23.74
N GLY B 76 -9.00 4.11 22.54
CA GLY B 76 -10.08 4.82 21.82
C GLY B 76 -9.59 6.11 21.18
N GLN B 77 -8.27 6.31 21.13
CA GLN B 77 -7.70 7.50 20.50
C GLN B 77 -8.02 7.50 19.01
N LEU B 78 -7.98 8.69 18.41
CA LEU B 78 -8.14 8.82 16.96
C LEU B 78 -7.03 8.08 16.20
N ILE B 79 -7.45 7.28 15.24
CA ILE B 79 -6.54 6.61 14.33
C ILE B 79 -6.88 7.05 12.90
N ALA B 80 -5.87 6.93 12.04
CA ALA B 80 -6.00 7.18 10.60
C ALA B 80 -5.87 5.83 9.90
N ILE B 81 -6.87 5.47 9.11
CA ILE B 81 -6.80 4.27 8.30
C ILE B 81 -6.67 4.69 6.84
N SER B 82 -5.64 4.25 6.15
CA SER B 82 -5.48 4.64 4.76
C SER B 82 -5.45 3.46 3.82
N LEU B 83 -5.86 3.72 2.60
CA LEU B 83 -5.96 2.74 1.54
C LEU B 83 -5.30 3.37 0.31
N LEU B 84 -4.59 2.55 -0.44
CA LEU B 84 -3.88 2.98 -1.65
C LEU B 84 -3.98 1.91 -2.75
N GLU B 85 -4.43 2.31 -3.94
CA GLU B 85 -4.46 1.43 -5.14
C GLU B 85 -3.66 2.10 -6.26
N ILE B 86 -2.67 1.40 -6.80
CA ILE B 86 -1.79 1.88 -7.87
C ILE B 86 -2.13 1.19 -9.19
N ASN B 87 -2.49 1.99 -10.17
CA ASN B 87 -3.09 1.55 -11.44
C ASN B 87 -2.28 1.83 -12.72
N GLY B 88 -1.33 2.71 -12.66
CA GLY B 88 -0.54 3.03 -13.87
C GLY B 88 0.59 3.99 -13.64
N ILE B 89 1.65 3.83 -14.44
CA ILE B 89 2.72 4.82 -14.54
C ILE B 89 2.46 5.74 -15.71
N VAL B 90 2.37 7.05 -15.41
CA VAL B 90 2.11 8.10 -16.40
C VAL B 90 3.43 8.75 -16.89
N LEU B 91 3.78 8.42 -18.13
CA LEU B 91 4.91 8.97 -18.85
C LEU B 91 4.47 10.10 -19.79
N ALA B 92 4.72 11.31 -19.31
CA ALA B 92 4.51 12.53 -20.04
C ALA B 92 5.75 12.82 -20.85
N LYS B 93 5.65 13.70 -21.86
CA LYS B 93 6.83 14.08 -22.68
C LYS B 93 7.91 14.79 -21.82
N GLU B 94 7.44 15.58 -20.85
CA GLU B 94 8.27 16.27 -19.88
C GLU B 94 8.34 15.52 -18.56
N ILE B 95 9.56 15.30 -18.09
CA ILE B 95 9.87 14.62 -16.83
C ILE B 95 9.01 15.16 -15.70
N LYS B 96 8.82 16.48 -15.65
CA LYS B 96 8.05 17.08 -14.54
C LYS B 96 6.57 16.74 -14.57
N ASN B 97 6.02 16.34 -15.72
CA ASN B 97 4.60 15.95 -15.81
C ASN B 97 4.37 14.41 -15.61
N ASN B 98 5.42 13.65 -15.33
CA ASN B 98 5.27 12.22 -15.10
C ASN B 98 4.45 12.06 -13.83
N SER B 99 3.73 10.95 -13.72
CA SER B 99 2.82 10.77 -12.58
C SER B 99 2.51 9.29 -12.37
N ILE B 100 1.62 9.06 -11.44
CA ILE B 100 1.09 7.74 -11.11
C ILE B 100 -0.41 7.86 -11.08
N ASN B 101 -1.09 6.99 -11.84
CA ASN B 101 -2.53 6.84 -11.70
C ASN B 101 -2.82 5.92 -10.49
N TYR B 102 -3.74 6.36 -9.64
CA TYR B 102 -3.92 5.79 -8.31
C TYR B 102 -5.23 6.16 -7.74
N VAL B 103 -5.62 5.47 -6.68
CA VAL B 103 -6.78 5.88 -5.86
C VAL B 103 -6.33 5.75 -4.41
N SER B 104 -6.69 6.74 -3.60
CA SER B 104 -6.34 6.72 -2.17
C SER B 104 -7.47 7.19 -1.29
N ALA B 105 -7.45 6.70 -0.04
CA ALA B 105 -8.44 7.16 0.94
C ALA B 105 -7.74 7.32 2.29
N LEU B 106 -8.16 8.33 3.04
CA LEU B 106 -7.73 8.52 4.44
C LEU B 106 -8.99 8.63 5.28
N ILE B 107 -9.12 7.71 6.23
CA ILE B 107 -10.28 7.62 7.07
C ILE B 107 -9.86 7.83 8.54
N PHE B 108 -10.50 8.79 9.20
CA PHE B 108 -10.34 9.03 10.65
C PHE B 108 -11.47 8.38 11.43
N GLY B 109 -11.12 7.75 12.54
CA GLY B 109 -12.10 7.19 13.44
C GLY B 109 -11.54 6.81 14.78
N ARG B 110 -12.46 6.52 15.68
CA ARG B 110 -12.14 6.20 17.06
C ARG B 110 -12.60 4.75 17.33
N PRO B 111 -11.65 3.83 17.55
CA PRO B 111 -12.01 2.41 17.69
C PRO B 111 -12.81 2.14 18.94
N TYR B 112 -13.72 1.16 18.88
CA TYR B 112 -14.37 0.64 20.09
C TYR B 112 -14.44 -0.89 20.03
N GLU B 113 -14.27 -1.51 21.19
CA GLU B 113 -14.07 -2.94 21.23
C GLU B 113 -15.38 -3.68 21.04
N ILE B 114 -15.34 -4.79 20.31
CA ILE B 114 -16.45 -5.74 20.21
C ILE B 114 -16.09 -6.87 21.15
N ASP B 115 -16.93 -7.12 22.17
CA ASP B 115 -16.65 -8.20 23.12
C ASP B 115 -17.53 -9.44 22.90
N ASP B 116 -18.69 -9.24 22.27
CA ASP B 116 -19.63 -10.32 21.96
C ASP B 116 -19.00 -11.33 20.99
N THR B 117 -18.70 -12.53 21.50
CA THR B 117 -17.98 -13.53 20.70
C THR B 117 -18.74 -13.92 19.42
N GLU B 118 -20.06 -13.89 19.47
CA GLU B 118 -20.84 -14.24 18.28
C GLU B 118 -20.67 -13.16 17.20
N LYS B 119 -20.56 -11.91 17.62
CA LYS B 119 -20.26 -10.85 16.66
C LYS B 119 -18.83 -10.93 16.14
N LYS B 120 -17.87 -11.34 16.98
CA LYS B 120 -16.52 -11.64 16.48
C LYS B 120 -16.54 -12.68 15.33
N ILE B 121 -17.26 -13.79 15.54
CA ILE B 121 -17.40 -14.81 14.50
C ILE B 121 -17.94 -14.19 13.20
N GLU B 122 -18.95 -13.34 13.32
CA GLU B 122 -19.53 -12.70 12.16
C GLU B 122 -18.51 -11.80 11.41
N VAL B 123 -17.61 -11.17 12.15
CA VAL B 123 -16.61 -10.33 11.54
C VAL B 123 -15.62 -11.19 10.79
N PHE B 124 -15.27 -12.37 11.34
CA PHE B 124 -14.41 -13.28 10.61
C PHE B 124 -15.11 -13.79 9.35
N ARG B 125 -16.42 -13.97 9.40
CA ARG B 125 -17.19 -14.34 8.21
C ARG B 125 -17.16 -13.22 7.11
N LEU B 126 -17.37 -11.98 7.51
CA LEU B 126 -17.25 -10.83 6.60
C LEU B 126 -15.88 -10.75 5.96
N LEU B 127 -14.83 -11.00 6.72
CA LEU B 127 -13.46 -10.97 6.20
C LEU B 127 -13.20 -12.10 5.19
N THR B 128 -13.58 -13.31 5.57
CA THR B 128 -13.36 -14.48 4.78
C THR B 128 -14.08 -14.36 3.43
N GLU B 129 -15.30 -13.84 3.48
CA GLU B 129 -16.09 -13.58 2.25
C GLU B 129 -15.63 -12.48 1.34
N LYS B 130 -14.93 -11.49 1.90
CA LYS B 130 -14.19 -10.48 1.12
C LYS B 130 -13.01 -11.12 0.41
N LEU B 131 -12.32 -12.05 1.08
CA LEU B 131 -11.17 -12.66 0.48
C LEU B 131 -11.54 -13.62 -0.65
N VAL B 132 -12.45 -14.56 -0.34
CA VAL B 132 -12.76 -15.69 -1.24
C VAL B 132 -14.16 -16.10 -0.92
N LYS B 133 -15.08 -15.63 -1.76
CA LYS B 133 -16.48 -16.00 -1.67
C LYS B 133 -16.62 -17.52 -1.74
N GLY B 134 -17.33 -18.07 -0.75
CA GLY B 134 -17.59 -19.50 -0.64
C GLY B 134 -16.65 -20.28 0.25
N ARG B 135 -15.56 -19.66 0.71
CA ARG B 135 -14.57 -20.36 1.49
C ARG B 135 -15.08 -20.63 2.90
N TRP B 136 -15.79 -19.69 3.50
CA TRP B 136 -16.27 -19.81 4.89
C TRP B 136 -17.07 -21.10 5.07
N ASP B 137 -17.95 -21.38 4.12
CA ASP B 137 -18.79 -22.59 4.20
C ASP B 137 -18.04 -23.88 4.05
N ASN B 138 -16.87 -23.86 3.43
CA ASN B 138 -16.08 -25.05 3.17
C ASN B 138 -14.79 -25.13 4.02
N SER B 139 -14.72 -24.43 5.16
CA SER B 139 -13.53 -24.46 6.03
C SER B 139 -13.95 -24.56 7.50
N ILE B 140 -12.99 -24.79 8.39
CA ILE B 140 -13.25 -25.00 9.83
C ILE B 140 -13.34 -23.66 10.48
N LYS B 141 -14.50 -23.38 11.02
CA LYS B 141 -14.79 -22.07 11.57
C LYS B 141 -14.32 -21.92 13.01
N PRO B 142 -14.04 -20.67 13.46
CA PRO B 142 -13.44 -20.50 14.80
C PRO B 142 -14.37 -20.80 15.95
N SER B 143 -13.79 -21.39 16.99
CA SER B 143 -14.49 -21.74 18.20
C SER B 143 -14.35 -20.59 19.19
N TYR B 144 -15.20 -20.56 20.21
CA TYR B 144 -15.07 -19.53 21.23
C TYR B 144 -13.72 -19.64 21.94
N GLU B 145 -13.22 -20.86 22.10
CA GLU B 145 -11.87 -21.09 22.62
C GLU B 145 -10.79 -20.47 21.71
N ASP B 146 -10.97 -20.58 20.40
CA ASP B 146 -10.02 -19.99 19.43
C ASP B 146 -9.99 -18.47 19.54
N LEU B 147 -11.14 -17.87 19.86
CA LEU B 147 -11.29 -16.41 19.88
C LEU B 147 -10.97 -15.81 21.24
N ASN B 148 -10.61 -16.67 22.18
CA ASN B 148 -10.06 -16.22 23.42
C ASN B 148 -8.73 -15.56 23.13
N GLY B 149 -8.64 -14.30 23.51
CA GLY B 149 -7.40 -13.55 23.35
C GLY B 149 -7.24 -12.85 22.02
N VAL B 150 -8.26 -12.97 21.15
CA VAL B 150 -8.34 -12.25 19.90
C VAL B 150 -9.27 -11.05 20.08
N PHE B 151 -8.77 -9.84 19.79
CA PHE B 151 -9.58 -8.62 19.85
C PHE B 151 -10.27 -8.36 18.54
N VAL B 152 -11.40 -7.67 18.62
CA VAL B 152 -12.06 -7.08 17.47
C VAL B 152 -12.43 -5.66 17.86
N PHE B 153 -12.07 -4.68 17.01
CA PHE B 153 -12.54 -3.27 17.16
C PHE B 153 -13.32 -2.88 15.90
N ALA B 154 -14.46 -2.22 16.11
CA ALA B 154 -15.20 -1.49 15.07
C ALA B 154 -14.73 -0.03 15.00
N VAL B 155 -14.56 0.48 13.79
CA VAL B 155 -14.20 1.88 13.52
C VAL B 155 -15.17 2.45 12.49
N LYS B 156 -16.02 3.39 12.87
CA LYS B 156 -16.84 4.09 11.90
C LYS B 156 -16.14 5.41 11.56
N PRO B 157 -16.26 5.89 10.31
CA PRO B 157 -15.57 7.11 9.97
C PRO B 157 -16.09 8.40 10.66
N GLU B 158 -15.18 9.04 11.39
CA GLU B 158 -15.37 10.39 11.94
C GLU B 158 -15.39 11.41 10.81
N THR B 159 -14.39 11.30 9.96
CA THR B 159 -14.24 12.04 8.70
C THR B 159 -13.47 11.15 7.72
N PHE B 160 -13.59 11.47 6.43
CA PHE B 160 -12.76 10.82 5.45
C PHE B 160 -12.52 11.72 4.22
N SER B 161 -11.48 11.40 3.47
CA SER B 161 -11.23 12.01 2.17
C SER B 161 -10.65 11.01 1.18
N MSE B 162 -10.78 11.34 -0.10
CA MSE B 162 -10.25 10.51 -1.17
C MSE B 162 -9.58 11.36 -2.22
O MSE B 162 -9.99 12.50 -2.45
CB MSE B 162 -11.37 9.71 -1.83
CG MSE B 162 -12.09 8.80 -0.87
SE MSE B 162 -13.43 7.63 -1.73
CE MSE B 162 -12.15 6.70 -2.93
N LYS B 163 -8.59 10.79 -2.89
CA LYS B 163 -7.85 11.42 -4.00
C LYS B 163 -7.62 10.36 -5.07
N ALA B 164 -7.38 10.78 -6.30
CA ALA B 164 -7.22 9.87 -7.42
C ALA B 164 -6.54 10.61 -8.51
N ARG B 165 -5.81 9.88 -9.34
CA ARG B 165 -5.47 10.31 -10.69
C ARG B 165 -5.83 9.20 -11.67
N THR B 166 -6.36 9.59 -12.81
CA THR B 166 -6.70 8.66 -13.87
C THR B 166 -6.45 9.33 -15.23
N GLY B 167 -6.33 8.54 -16.31
CA GLY B 167 -6.23 9.10 -17.65
C GLY B 167 -4.81 9.31 -18.14
N PRO B 168 -4.67 9.86 -19.36
CA PRO B 168 -3.38 10.04 -19.99
C PRO B 168 -2.55 11.19 -19.41
N PRO B 169 -1.26 11.29 -19.78
CA PRO B 169 -0.47 12.43 -19.36
C PRO B 169 -0.98 13.75 -19.90
N HIS B 170 -0.60 14.85 -19.26
CA HIS B 170 -0.90 16.17 -19.78
C HIS B 170 0.37 16.71 -20.38
N ASP B 171 0.45 16.65 -21.71
CA ASP B 171 1.59 17.19 -22.43
C ASP B 171 1.28 18.59 -22.90
N THR B 172 2.30 19.42 -22.97
CA THR B 172 2.11 20.81 -23.33
C THR B 172 2.95 21.08 -24.58
N SER B 173 3.27 20.04 -25.35
CA SER B 173 4.29 20.19 -26.38
C SER B 173 4.17 19.24 -27.55
N THR B 174 4.89 19.61 -28.61
CA THR B 174 4.83 18.96 -29.91
C THR B 174 5.98 17.96 -30.16
N ASP B 175 6.94 17.93 -29.25
CA ASP B 175 8.15 17.12 -29.41
C ASP B 175 7.89 15.64 -29.77
N ASP B 176 8.81 15.01 -30.52
CA ASP B 176 8.72 13.56 -30.83
C ASP B 176 9.28 12.74 -29.68
N ILE B 177 8.47 12.64 -28.64
CA ILE B 177 8.74 11.82 -27.49
C ILE B 177 7.45 11.04 -27.29
N TRP B 178 7.56 9.73 -27.16
CA TRP B 178 6.36 8.90 -26.92
C TRP B 178 5.81 9.24 -25.55
N SER B 179 4.49 9.37 -25.41
CA SER B 179 3.83 9.55 -24.12
C SER B 179 2.60 8.64 -23.99
N GLY B 180 2.27 8.32 -22.75
CA GLY B 180 1.21 7.36 -22.46
C GLY B 180 1.26 6.83 -21.04
N VAL B 181 0.39 5.87 -20.77
CA VAL B 181 0.28 5.22 -19.45
C VAL B 181 0.66 3.73 -19.56
N LEU B 182 1.54 3.27 -18.68
CA LEU B 182 1.80 1.86 -18.52
C LEU B 182 0.93 1.28 -17.39
N PRO B 183 -0.14 0.53 -17.78
CA PRO B 183 -1.11 0.06 -16.79
C PRO B 183 -0.45 -1.00 -15.98
N ILE B 184 -0.79 -0.99 -14.69
CA ILE B 184 -0.38 -1.97 -13.69
C ILE B 184 -1.62 -2.76 -13.28
N GLN B 185 -1.56 -4.06 -13.52
CA GLN B 185 -2.66 -4.99 -13.24
C GLN B 185 -2.35 -5.84 -12.03
N HIS B 186 -3.37 -6.06 -11.21
CA HIS B 186 -3.23 -6.91 -10.03
C HIS B 186 -4.15 -8.09 -10.27
N THR B 187 -3.59 -9.28 -10.30
CA THR B 187 -4.36 -10.46 -10.70
C THR B 187 -4.16 -11.63 -9.74
N ILE B 188 -5.20 -12.43 -9.51
CA ILE B 188 -5.00 -13.74 -8.83
C ILE B 188 -4.49 -14.74 -9.83
N SER B 189 -3.36 -15.40 -9.60
CA SER B 189 -3.00 -16.43 -10.58
C SER B 189 -3.30 -17.87 -10.08
N GLU B 190 -3.08 -18.81 -10.98
CA GLU B 190 -3.28 -20.22 -10.77
C GLU B 190 -2.68 -20.72 -9.42
N ALA B 191 -3.52 -21.37 -8.63
CA ALA B 191 -3.07 -22.02 -7.39
C ALA B 191 -3.20 -23.56 -7.41
N GLY B 192 -3.52 -24.17 -8.54
CA GLY B 192 -3.77 -25.62 -8.58
C GLY B 192 -5.03 -25.94 -9.32
N GLU B 193 -4.91 -26.83 -10.30
CA GLU B 193 -6.02 -27.26 -11.14
C GLU B 193 -7.03 -28.12 -10.37
N ASN B 194 -6.63 -28.66 -9.22
CA ASN B 194 -7.50 -29.53 -8.45
C ASN B 194 -8.02 -28.85 -7.17
N ALA B 195 -7.92 -27.52 -7.14
CA ALA B 195 -8.55 -26.68 -6.11
C ALA B 195 -10.06 -26.67 -6.37
N PRO B 196 -10.88 -26.31 -5.34
CA PRO B 196 -12.36 -26.18 -5.49
C PRO B 196 -12.70 -25.12 -6.49
N GLU B 197 -13.89 -25.22 -7.06
CA GLU B 197 -14.31 -24.28 -8.09
C GLU B 197 -14.46 -22.84 -7.60
N TYR B 198 -14.83 -22.65 -6.36
CA TYR B 198 -14.86 -21.28 -5.81
C TYR B 198 -13.48 -20.63 -5.71
N VAL B 199 -12.41 -21.45 -5.67
CA VAL B 199 -11.05 -20.92 -5.80
C VAL B 199 -10.64 -20.76 -7.27
N LYS B 200 -10.87 -21.79 -8.10
CA LYS B 200 -10.46 -21.77 -9.52
C LYS B 200 -11.13 -20.67 -10.31
N SER B 201 -12.33 -20.31 -9.90
CA SER B 201 -13.09 -19.28 -10.59
C SER B 201 -12.47 -17.88 -10.45
N LEU B 202 -11.50 -17.74 -9.54
CA LEU B 202 -10.76 -16.49 -9.34
C LEU B 202 -9.52 -16.38 -10.18
N TYR B 203 -9.03 -17.50 -10.76
CA TYR B 203 -7.78 -17.48 -11.53
C TYR B 203 -7.90 -16.52 -12.72
N GLY B 204 -6.91 -15.65 -12.88
CA GLY B 204 -6.95 -14.59 -13.89
C GLY B 204 -7.76 -13.33 -13.59
N LYS B 205 -8.44 -13.29 -12.44
CA LYS B 205 -9.35 -12.18 -12.12
C LYS B 205 -8.47 -10.99 -11.72
N ARG B 206 -8.77 -9.84 -12.31
CA ARG B 206 -8.15 -8.55 -11.91
C ARG B 206 -8.81 -8.05 -10.63
N ILE B 207 -7.98 -7.66 -9.67
CA ILE B 207 -8.48 -7.19 -8.36
C ILE B 207 -8.01 -5.75 -8.05
N PHE B 208 -8.53 -5.17 -6.96
CA PHE B 208 -8.28 -3.81 -6.51
C PHE B 208 -8.76 -2.73 -7.49
N ILE B 209 -9.81 -3.10 -8.22
CA ILE B 209 -10.29 -2.37 -9.39
C ILE B 209 -11.82 -2.35 -9.35
C1 EDO C . 1.84 8.81 -5.21
O1 EDO C . 0.73 7.93 -5.28
C2 EDO C . 1.45 10.09 -5.92
O2 EDO C . 0.86 10.93 -4.92
C1 EDO D . 23.20 12.22 -11.89
O1 EDO D . 24.36 11.98 -11.08
C2 EDO D . 23.01 13.73 -12.07
O2 EDO D . 21.79 14.01 -12.76
C1 EDO E . -10.71 -11.56 -4.76
O1 EDO E . -12.02 -11.31 -5.30
C2 EDO E . -10.53 -11.00 -3.36
O2 EDO E . -10.25 -9.58 -3.41
C1 EDO F . -12.01 15.45 5.80
O1 EDO F . -11.45 16.42 4.88
C2 EDO F . -11.03 14.36 6.21
O2 EDO F . -10.20 14.76 7.33
C1 EDO G . -12.57 9.88 -7.50
O1 EDO G . -13.88 9.39 -7.14
C2 EDO G . -12.21 11.12 -6.69
O2 EDO G . -11.30 10.77 -5.64
#